data_8BYB
#
_entry.id   8BYB
#
_cell.length_a   81.684
_cell.length_b   112.024
_cell.length_c   62.539
_cell.angle_alpha   90.00
_cell.angle_beta   90.00
_cell.angle_gamma   90.00
#
_symmetry.space_group_name_H-M   'C 2 2 21'
#
loop_
_entity.id
_entity.type
_entity.pdbx_description
1 polymer '14-3-3 protein sigma'
2 polymer 'ERalpha peptide'
3 non-polymer ~{N}-[3-(5-carbamimidoylthiophen-3-yl)phenyl]-1-(4-chloranylphenoxy)cyclohexane-1-carboxamide
4 water water
#
loop_
_entity_poly.entity_id
_entity_poly.type
_entity_poly.pdbx_seq_one_letter_code
_entity_poly.pdbx_strand_id
1 'polypeptide(L)'
;GAMGSMERASLIQKAKLAEQAERYEDMAAFMKGAVEKGEELSCEERNLLSVAYKNVVGGQRAAWRVLSSIEQKSNEEGSE
EKGPEVREYREKVETELQGVCDTVLGLLDSHLIKEAGDAESRVFYLKMKGDYYRYLAEVATGDDKKRIIDSARSAYQEAM
DISKKEMPPTNPIRLGLALNFSVFHYEIANSPEEAISLAKTTFDEAMADLHTLSEDSYKDSTLIMQLLRDNLTLWT
;
A
2 'polypeptide(L)' FPA(TPO)V B
#
loop_
_chem_comp.id
_chem_comp.type
_chem_comp.name
_chem_comp.formula
S8O non-polymer ~{N}-[3-(5-carbamimidoylthiophen-3-yl)phenyl]-1-(4-chloranylphenoxy)cyclohexane-1-carboxamide 'C24 H24 Cl N3 O2 S'
#
# COMPACT_ATOMS: atom_id res chain seq x y z
N GLY A 1 -14.06 14.90 -13.51
CA GLY A 1 -12.94 14.06 -14.04
C GLY A 1 -12.49 14.50 -15.41
N ALA A 2 -11.24 14.98 -15.48
CA ALA A 2 -10.67 15.39 -16.76
C ALA A 2 -10.39 14.22 -17.69
N MET A 3 -10.56 13.00 -17.23
CA MET A 3 -10.46 11.82 -18.09
C MET A 3 -11.81 11.33 -18.57
N GLY A 4 -12.88 12.07 -18.26
CA GLY A 4 -14.20 11.59 -18.58
C GLY A 4 -14.48 11.44 -20.07
N SER A 5 -13.77 12.19 -20.90
CA SER A 5 -14.00 12.09 -22.33
C SER A 5 -13.14 11.05 -23.02
N MET A 6 -12.22 10.39 -22.32
CA MET A 6 -11.36 9.40 -22.92
C MET A 6 -11.91 7.99 -22.75
N GLU A 7 -11.83 7.19 -23.82
CA GLU A 7 -12.22 5.80 -23.76
C GLU A 7 -11.51 5.04 -22.65
N ARG A 8 -12.26 4.16 -21.98
CA ARG A 8 -11.64 3.30 -20.97
C ARG A 8 -10.41 2.59 -21.51
N ALA A 9 -10.52 2.00 -22.71
CA ALA A 9 -9.40 1.21 -23.22
C ALA A 9 -8.20 2.11 -23.51
N SER A 10 -8.45 3.33 -23.96
CA SER A 10 -7.38 4.29 -24.20
C SER A 10 -6.71 4.71 -22.90
N LEU A 11 -7.48 4.84 -21.83
CA LEU A 11 -6.89 5.16 -20.54
C LEU A 11 -5.96 4.05 -20.07
N ILE A 12 -6.39 2.80 -20.20
CA ILE A 12 -5.56 1.67 -19.82
C ILE A 12 -4.31 1.60 -20.68
N GLN A 13 -4.45 1.80 -22.00
CA GLN A 13 -3.29 1.83 -22.88
C GLN A 13 -2.32 2.92 -22.46
N LYS A 14 -2.83 4.11 -22.17
CA LYS A 14 -1.95 5.20 -21.80
C LYS A 14 -1.33 4.98 -20.42
N ALA A 15 -2.06 4.34 -19.50
CA ALA A 15 -1.41 3.97 -18.23
C ALA A 15 -0.18 3.10 -18.46
N LYS A 16 -0.27 2.13 -19.37
CA LYS A 16 0.87 1.26 -19.66
C LYS A 16 2.01 2.04 -20.30
N LEU A 17 1.68 2.98 -21.17
CA LEU A 17 2.70 3.84 -21.78
C LEU A 17 3.36 4.71 -20.72
N ALA A 18 2.56 5.29 -19.83
CA ALA A 18 3.10 6.13 -18.77
C ALA A 18 4.03 5.32 -17.89
N GLU A 19 3.68 4.07 -17.60
CA GLU A 19 4.58 3.20 -16.84
C GLU A 19 5.92 3.04 -17.56
N GLN A 20 5.88 2.76 -18.86
CA GLN A 20 7.12 2.56 -19.62
C GLN A 20 7.97 3.82 -19.59
N ALA A 21 7.33 4.98 -19.55
CA ALA A 21 8.00 6.27 -19.47
C ALA A 21 8.32 6.71 -18.05
N GLU A 22 8.03 5.88 -17.04
CA GLU A 22 8.22 6.22 -15.63
C GLU A 22 7.54 7.53 -15.25
N ARG A 23 6.35 7.72 -15.80
CA ARG A 23 5.50 8.88 -15.52
C ARG A 23 4.35 8.41 -14.64
N TYR A 24 4.64 8.19 -13.36
CA TYR A 24 3.68 7.51 -12.51
C TYR A 24 2.51 8.40 -12.08
N GLU A 25 2.72 9.72 -11.97
CA GLU A 25 1.58 10.60 -11.72
C GLU A 25 0.58 10.49 -12.88
N ASP A 26 1.07 10.56 -14.12
CA ASP A 26 0.18 10.36 -15.26
C ASP A 26 -0.48 8.98 -15.19
N MET A 27 0.31 7.94 -14.92
CA MET A 27 -0.25 6.59 -14.81
C MET A 27 -1.39 6.52 -13.84
N ALA A 28 -1.22 7.14 -12.69
CA ALA A 28 -2.26 7.13 -11.68
C ALA A 28 -3.49 7.90 -12.14
N ALA A 29 -3.29 9.04 -12.81
CA ALA A 29 -4.42 9.79 -13.31
C ALA A 29 -5.20 8.98 -14.35
N PHE A 30 -4.48 8.29 -15.23
CA PHE A 30 -5.15 7.47 -16.24
C PHE A 30 -5.94 6.35 -15.57
N MET A 31 -5.34 5.70 -14.56
CA MET A 31 -6.04 4.56 -13.94
C MET A 31 -7.22 5.07 -13.09
N LYS A 32 -7.11 6.24 -12.44
CA LYS A 32 -8.26 6.84 -11.77
C LYS A 32 -9.39 7.07 -12.78
N GLY A 33 -9.05 7.60 -13.96
CA GLY A 33 -10.06 7.75 -14.98
C GLY A 33 -10.70 6.44 -15.38
N ALA A 34 -9.89 5.38 -15.49
CA ALA A 34 -10.44 4.08 -15.83
C ALA A 34 -11.39 3.59 -14.74
N VAL A 35 -10.98 3.69 -13.48
CA VAL A 35 -11.86 3.27 -12.39
C VAL A 35 -13.18 4.02 -12.46
N GLU A 36 -13.12 5.32 -12.73
CA GLU A 36 -14.32 6.14 -12.73
C GLU A 36 -15.25 5.84 -13.90
N LYS A 37 -14.84 5.02 -14.87
CA LYS A 37 -15.79 4.52 -15.84
C LYS A 37 -16.85 3.61 -15.22
N GLY A 38 -16.60 3.09 -14.04
CA GLY A 38 -17.62 2.37 -13.30
C GLY A 38 -17.60 0.88 -13.45
N GLU A 39 -16.88 0.33 -14.42
CA GLU A 39 -16.76 -1.10 -14.59
C GLU A 39 -15.77 -1.69 -13.60
N GLU A 40 -15.96 -2.96 -13.25
CA GLU A 40 -14.98 -3.66 -12.45
C GLU A 40 -13.65 -3.70 -13.20
N LEU A 41 -12.58 -3.89 -12.44
CA LEU A 41 -11.23 -3.99 -12.98
C LEU A 41 -10.81 -5.44 -13.12
N SER A 42 -10.14 -5.74 -14.22
CA SER A 42 -9.50 -7.03 -14.37
C SER A 42 -8.27 -7.12 -13.47
N CYS A 43 -7.69 -8.33 -13.40
CA CYS A 43 -6.48 -8.52 -12.61
C CYS A 43 -5.35 -7.57 -13.07
N GLU A 44 -5.11 -7.51 -14.37
CA GLU A 44 -4.06 -6.64 -14.86
C GLU A 44 -4.35 -5.18 -14.51
N GLU A 45 -5.60 -4.78 -14.66
CA GLU A 45 -5.99 -3.39 -14.40
C GLU A 45 -5.84 -3.04 -12.93
N ARG A 46 -6.20 -3.96 -12.04
CA ARG A 46 -6.01 -3.71 -10.61
C ARG A 46 -4.55 -3.46 -10.29
N ASN A 47 -3.66 -4.25 -10.90
CA ASN A 47 -2.24 -4.09 -10.65
C ASN A 47 -1.71 -2.81 -11.29
N LEU A 48 -2.22 -2.38 -12.43
CA LEU A 48 -1.84 -1.08 -12.96
C LEU A 48 -2.21 0.03 -11.99
N LEU A 49 -3.41 -0.05 -11.43
CA LEU A 49 -3.85 0.95 -10.46
C LEU A 49 -2.92 0.98 -9.26
N SER A 50 -2.64 -0.20 -8.70
CA SER A 50 -1.81 -0.27 -7.50
C SER A 50 -0.39 0.16 -7.77
N VAL A 51 0.19 -0.25 -8.91
CA VAL A 51 1.55 0.15 -9.24
C VAL A 51 1.67 1.66 -9.31
N ALA A 52 0.70 2.30 -9.99
CA ALA A 52 0.74 3.74 -10.19
C ALA A 52 0.73 4.49 -8.86
N TYR A 53 -0.27 4.22 -8.03
CA TYR A 53 -0.38 4.99 -6.80
C TYR A 53 0.70 4.59 -5.80
N LYS A 54 1.16 3.32 -5.80
CA LYS A 54 2.25 2.95 -4.91
C LYS A 54 3.50 3.79 -5.21
N ASN A 55 3.77 4.04 -6.49
CA ASN A 55 4.94 4.80 -6.90
C ASN A 55 4.77 6.25 -6.54
N VAL A 56 3.58 6.80 -6.79
CA VAL A 56 3.35 8.20 -6.42
C VAL A 56 3.47 8.40 -4.92
N VAL A 57 2.75 7.61 -4.13
CA VAL A 57 2.76 7.84 -2.69
C VAL A 57 4.11 7.45 -2.11
N GLY A 58 4.79 6.47 -2.72
CA GLY A 58 6.12 6.11 -2.24
C GLY A 58 7.10 7.26 -2.32
N GLY A 59 7.06 8.01 -3.42
CA GLY A 59 7.89 9.20 -3.52
C GLY A 59 7.52 10.26 -2.53
N GLN A 60 6.21 10.45 -2.29
CA GLN A 60 5.78 11.43 -1.31
C GLN A 60 6.25 11.04 0.09
N ARG A 61 6.16 9.75 0.41
CA ARG A 61 6.58 9.27 1.72
C ARG A 61 8.07 9.48 1.91
N ALA A 62 8.86 9.19 0.89
CA ALA A 62 10.30 9.39 0.99
C ALA A 62 10.61 10.86 1.22
N ALA A 63 9.92 11.74 0.50
CA ALA A 63 10.15 13.17 0.69
C ALA A 63 9.74 13.62 2.08
N TRP A 64 8.56 13.18 2.53
CA TRP A 64 8.10 13.51 3.87
C TRP A 64 9.10 13.08 4.93
N ARG A 65 9.70 11.90 4.77
CA ARG A 65 10.65 11.42 5.77
C ARG A 65 11.89 12.30 5.81
N VAL A 66 12.38 12.71 4.64
CA VAL A 66 13.53 13.61 4.60
C VAL A 66 13.20 14.89 5.35
N LEU A 67 12.04 15.47 5.04
CA LEU A 67 11.66 16.76 5.61
C LEU A 67 11.36 16.64 7.11
N SER A 68 10.68 15.57 7.51
CA SER A 68 10.45 15.35 8.93
C SER A 68 11.75 15.23 9.69
N SER A 69 12.74 14.55 9.11
CA SER A 69 14.06 14.43 9.74
C SER A 69 14.72 15.78 9.92
N ILE A 70 14.68 16.60 8.87
CA ILE A 70 15.26 17.95 8.96
C ILE A 70 14.52 18.75 10.03
N GLU A 71 13.20 18.61 10.08
CA GLU A 71 12.39 19.34 11.04
C GLU A 71 12.73 18.94 12.47
N GLN A 72 12.88 17.64 12.72
CA GLN A 72 13.23 17.19 14.06
C GLN A 72 14.57 17.78 14.49
N LYS A 73 15.55 17.77 13.60
CA LYS A 73 16.86 18.32 13.93
C LYS A 73 16.77 19.82 14.23
N SER A 74 15.98 20.55 13.45
CA SER A 74 15.83 21.98 13.71
C SER A 74 15.23 22.25 15.07
N ASN A 75 14.59 21.26 15.69
CA ASN A 75 13.93 21.42 16.98
C ASN A 75 14.71 20.85 18.16
N GLU A 76 15.92 20.32 17.93
CA GLU A 76 16.72 19.80 19.03
C GLU A 76 17.38 20.95 19.79
N GLU A 77 17.85 20.64 21.00
CA GLU A 77 18.51 21.62 21.85
C GLU A 77 19.88 21.97 21.25
N GLY A 78 20.04 23.22 20.82
CA GLY A 78 21.26 23.70 20.22
C GLY A 78 21.11 24.22 18.80
N SER A 79 19.94 24.03 18.19
CA SER A 79 19.74 24.38 16.80
C SER A 79 19.49 25.88 16.64
N GLU A 80 19.89 26.41 15.49
CA GLU A 80 19.62 27.79 15.14
C GLU A 80 18.24 27.88 14.50
N GLU A 81 17.35 28.66 15.12
CA GLU A 81 16.01 28.88 14.58
C GLU A 81 16.09 29.25 13.11
N LYS A 82 15.45 28.45 12.26
CA LYS A 82 15.42 28.75 10.83
C LYS A 82 14.04 29.20 10.37
N GLY A 83 13.12 29.46 11.29
CA GLY A 83 11.82 29.99 10.95
C GLY A 83 10.83 28.89 10.63
N PRO A 84 9.69 29.27 10.06
CA PRO A 84 8.60 28.31 9.85
C PRO A 84 8.75 27.47 8.59
N GLU A 85 9.80 27.67 7.80
CA GLU A 85 9.80 27.15 6.43
C GLU A 85 9.86 25.63 6.39
N VAL A 86 10.67 25.00 7.25
CA VAL A 86 10.77 23.54 7.21
C VAL A 86 9.43 22.93 7.57
N ARG A 87 8.81 23.40 8.66
CA ARG A 87 7.48 22.92 9.02
C ARG A 87 6.48 23.15 7.90
N GLU A 88 6.47 24.37 7.31
CA GLU A 88 5.51 24.68 6.27
C GLU A 88 5.67 23.72 5.09
N TYR A 89 6.91 23.46 4.68
CA TYR A 89 7.11 22.64 3.48
C TYR A 89 6.81 21.17 3.80
N ARG A 90 7.19 20.71 5.00
CA ARG A 90 6.77 19.36 5.41
C ARG A 90 5.26 19.24 5.40
N GLU A 91 4.55 20.26 5.90
CA GLU A 91 3.09 20.26 5.88
C GLU A 91 2.55 20.23 4.46
N LYS A 92 3.20 20.96 3.54
CA LYS A 92 2.76 20.96 2.16
C LYS A 92 2.85 19.57 1.55
N VAL A 93 3.99 18.91 1.71
CA VAL A 93 4.15 17.55 1.20
C VAL A 93 3.18 16.61 1.89
N GLU A 94 3.02 16.75 3.21
CA GLU A 94 2.09 15.92 3.97
C GLU A 94 0.67 16.04 3.45
N THR A 95 0.22 17.27 3.16
CA THR A 95 -1.14 17.49 2.69
C THR A 95 -1.31 16.87 1.29
N GLU A 96 -0.29 16.96 0.44
CA GLU A 96 -0.37 16.34 -0.86
C GLU A 96 -0.44 14.83 -0.74
N LEU A 97 0.38 14.27 0.16
CA LEU A 97 0.33 12.83 0.44
C LEU A 97 -1.05 12.40 0.93
N GLN A 98 -1.60 13.14 1.89
CA GLN A 98 -2.94 12.81 2.39
C GLN A 98 -3.97 12.89 1.29
N GLY A 99 -3.80 13.84 0.37
CA GLY A 99 -4.72 13.93 -0.74
C GLY A 99 -4.70 12.72 -1.63
N VAL A 100 -3.50 12.23 -1.96
CA VAL A 100 -3.36 11.02 -2.78
C VAL A 100 -4.01 9.84 -2.05
N CYS A 101 -3.71 9.69 -0.77
CA CYS A 101 -4.31 8.59 -0.01
C CYS A 101 -5.84 8.68 -0.01
N ASP A 102 -6.36 9.88 0.24
CA ASP A 102 -7.80 10.07 0.22
C ASP A 102 -8.38 9.74 -1.16
N THR A 103 -7.67 10.10 -2.22
CA THR A 103 -8.13 9.77 -3.55
C THR A 103 -8.23 8.26 -3.73
N VAL A 104 -7.18 7.53 -3.36
CA VAL A 104 -7.19 6.08 -3.54
C VAL A 104 -8.30 5.46 -2.68
N LEU A 105 -8.37 5.89 -1.41
CA LEU A 105 -9.42 5.36 -0.53
C LEU A 105 -10.79 5.66 -1.09
N GLY A 106 -10.94 6.83 -1.71
CA GLY A 106 -12.21 7.17 -2.33
C GLY A 106 -12.57 6.26 -3.49
N LEU A 107 -11.59 5.91 -4.33
CA LEU A 107 -11.85 4.96 -5.40
C LEU A 107 -12.24 3.59 -4.84
N LEU A 108 -11.58 3.15 -3.77
CA LEU A 108 -11.93 1.86 -3.19
C LEU A 108 -13.33 1.89 -2.60
N ASP A 109 -13.73 3.02 -2.02
CA ASP A 109 -15.04 3.15 -1.42
C ASP A 109 -16.13 3.46 -2.44
N SER A 110 -15.76 3.92 -3.64
CA SER A 110 -16.73 4.33 -4.68
C SER A 110 -16.24 3.89 -6.05
N HIS A 111 -16.41 2.60 -6.39
CA HIS A 111 -17.14 1.60 -5.63
C HIS A 111 -16.47 0.27 -5.79
N LEU A 112 -15.14 0.28 -5.78
CA LEU A 112 -14.41 -0.93 -6.13
C LEU A 112 -14.65 -2.05 -5.13
N ILE A 113 -14.58 -1.77 -3.83
CA ILE A 113 -14.70 -2.84 -2.84
C ILE A 113 -16.10 -3.42 -2.86
N LYS A 114 -17.12 -2.58 -2.93
CA LYS A 114 -18.46 -3.11 -2.79
C LYS A 114 -18.85 -4.02 -3.96
N GLU A 115 -18.23 -3.85 -5.12
CA GLU A 115 -18.51 -4.72 -6.26
C GLU A 115 -17.56 -5.90 -6.35
N ALA A 116 -16.58 -6.00 -5.45
CA ALA A 116 -15.55 -7.03 -5.52
C ALA A 116 -16.00 -8.26 -4.75
N GLY A 117 -16.36 -9.32 -5.46
CA GLY A 117 -16.86 -10.53 -4.85
C GLY A 117 -15.89 -11.69 -4.84
N ASP A 118 -15.02 -11.76 -5.85
CA ASP A 118 -14.03 -12.80 -5.90
C ASP A 118 -12.91 -12.51 -4.92
N ALA A 119 -12.35 -13.57 -4.32
CA ALA A 119 -11.30 -13.36 -3.33
C ALA A 119 -10.13 -12.56 -3.91
N GLU A 120 -9.72 -12.86 -5.15
CA GLU A 120 -8.52 -12.19 -5.68
C GLU A 120 -8.73 -10.69 -5.83
N SER A 121 -9.95 -10.26 -6.13
CA SER A 121 -10.19 -8.81 -6.20
C SER A 121 -10.45 -8.23 -4.83
N ARG A 122 -11.31 -8.87 -4.04
CA ARG A 122 -11.69 -8.30 -2.76
C ARG A 122 -10.50 -8.20 -1.81
N VAL A 123 -9.69 -9.26 -1.70
CA VAL A 123 -8.51 -9.21 -0.84
C VAL A 123 -7.54 -8.15 -1.33
N PHE A 124 -7.35 -8.07 -2.65
CA PHE A 124 -6.45 -7.05 -3.22
C PHE A 124 -6.89 -5.64 -2.81
N TYR A 125 -8.18 -5.34 -2.97
CA TYR A 125 -8.65 -3.99 -2.65
C TYR A 125 -8.61 -3.71 -1.15
N LEU A 126 -8.95 -4.69 -0.31
CA LEU A 126 -8.90 -4.45 1.12
C LEU A 126 -7.46 -4.29 1.60
N LYS A 127 -6.51 -5.01 0.98
CA LYS A 127 -5.10 -4.77 1.27
C LYS A 127 -4.72 -3.33 0.95
N MET A 128 -5.12 -2.85 -0.24
CA MET A 128 -4.86 -1.45 -0.61
C MET A 128 -5.47 -0.51 0.44
N LYS A 129 -6.70 -0.80 0.89
CA LYS A 129 -7.34 0.08 1.86
C LYS A 129 -6.52 0.12 3.15
N GLY A 130 -6.04 -1.03 3.61
CA GLY A 130 -5.13 -1.06 4.75
C GLY A 130 -3.84 -0.26 4.50
N ASP A 131 -3.25 -0.45 3.33
CA ASP A 131 -2.02 0.23 2.96
C ASP A 131 -2.18 1.75 3.01
N TYR A 132 -3.26 2.28 2.42
CA TYR A 132 -3.38 3.74 2.32
C TYR A 132 -3.81 4.34 3.65
N TYR A 133 -4.59 3.62 4.48
CA TYR A 133 -4.75 4.10 5.85
C TYR A 133 -3.44 4.02 6.61
N ARG A 134 -2.61 3.00 6.35
CA ARG A 134 -1.30 2.94 6.98
C ARG A 134 -0.45 4.16 6.63
N TYR A 135 -0.45 4.57 5.36
CA TYR A 135 0.32 5.76 4.97
C TYR A 135 -0.25 7.01 5.66
N LEU A 136 -1.57 7.11 5.77
CA LEU A 136 -2.12 8.21 6.55
C LEU A 136 -1.68 8.14 8.00
N ALA A 137 -1.63 6.93 8.56
CA ALA A 137 -1.20 6.78 9.95
C ALA A 137 0.24 7.24 10.16
N GLU A 138 1.10 7.04 9.16
CA GLU A 138 2.51 7.37 9.28
C GLU A 138 2.70 8.86 9.57
N VAL A 139 1.78 9.70 9.09
CA VAL A 139 1.90 11.15 9.25
C VAL A 139 0.89 11.72 10.22
N ALA A 140 0.06 10.89 10.82
CA ALA A 140 -1.01 11.37 11.68
C ALA A 140 -0.50 11.69 13.06
N THR A 141 -1.07 12.75 13.66
CA THR A 141 -0.71 13.21 15.00
C THR A 141 -1.88 13.74 15.81
N GLY A 142 -3.09 13.84 15.25
CA GLY A 142 -4.19 14.54 15.88
C GLY A 142 -5.20 13.63 16.57
N ASP A 143 -6.38 14.22 16.86
CA ASP A 143 -7.48 13.51 17.51
C ASP A 143 -7.90 12.25 16.77
N ASP A 144 -7.46 12.09 15.51
CA ASP A 144 -7.93 11.04 14.63
C ASP A 144 -6.93 9.91 14.44
N LYS A 145 -5.74 10.03 15.04
CA LYS A 145 -4.67 9.07 14.75
C LYS A 145 -5.07 7.65 15.14
N LYS A 146 -5.63 7.48 16.34
CA LYS A 146 -6.04 6.13 16.71
C LYS A 146 -7.09 5.58 15.76
N ARG A 147 -8.01 6.44 15.29
CA ARG A 147 -9.06 5.95 14.40
C ARG A 147 -8.48 5.59 13.05
N ILE A 148 -7.47 6.34 12.58
CA ILE A 148 -6.83 6.00 11.30
C ILE A 148 -6.15 4.65 11.41
N ILE A 149 -5.43 4.44 12.51
CA ILE A 149 -4.79 3.15 12.77
C ILE A 149 -5.81 2.03 12.78
N ASP A 150 -6.95 2.26 13.45
CA ASP A 150 -7.93 1.18 13.53
C ASP A 150 -8.59 0.92 12.18
N SER A 151 -8.72 1.98 11.33
CA SER A 151 -9.22 1.76 9.98
C SER A 151 -8.26 0.90 9.17
N ALA A 152 -6.95 1.14 9.30
CA ALA A 152 -5.99 0.28 8.61
C ALA A 152 -6.10 -1.17 9.11
N ARG A 153 -6.12 -1.33 10.43
CA ARG A 153 -6.18 -2.65 11.04
C ARG A 153 -7.43 -3.39 10.59
N SER A 154 -8.57 -2.71 10.56
CA SER A 154 -9.83 -3.34 10.21
C SER A 154 -9.81 -3.82 8.75
N ALA A 155 -9.27 -3.00 7.85
CA ALA A 155 -9.22 -3.40 6.45
C ALA A 155 -8.29 -4.59 6.25
N TYR A 156 -7.09 -4.52 6.85
CA TYR A 156 -6.17 -5.64 6.79
C TYR A 156 -6.78 -6.90 7.37
N GLN A 157 -7.50 -6.76 8.50
CA GLN A 157 -8.07 -7.94 9.15
C GLN A 157 -9.14 -8.59 8.28
N GLU A 158 -10.02 -7.80 7.68
CA GLU A 158 -11.02 -8.38 6.78
C GLU A 158 -10.34 -9.08 5.60
N ALA A 159 -9.30 -8.45 5.03
CA ALA A 159 -8.55 -9.07 3.94
C ALA A 159 -7.91 -10.36 4.41
N MET A 160 -7.34 -10.37 5.62
CA MET A 160 -6.70 -11.58 6.15
C MET A 160 -7.73 -12.70 6.30
N ASP A 161 -8.89 -12.38 6.88
CA ASP A 161 -9.90 -13.41 7.10
C ASP A 161 -10.33 -14.05 5.78
N ILE A 162 -10.56 -13.23 4.75
CA ILE A 162 -10.94 -13.77 3.45
C ILE A 162 -9.82 -14.60 2.86
N SER A 163 -8.59 -14.10 2.94
CA SER A 163 -7.47 -14.78 2.30
C SER A 163 -7.24 -16.15 2.92
N LYS A 164 -7.40 -16.27 4.24
CA LYS A 164 -7.17 -17.57 4.87
C LYS A 164 -8.26 -18.56 4.53
N LYS A 165 -9.47 -18.08 4.23
CA LYS A 165 -10.58 -18.96 3.87
C LYS A 165 -10.54 -19.34 2.39
N GLU A 166 -10.09 -18.43 1.53
CA GLU A 166 -10.34 -18.54 0.09
C GLU A 166 -9.10 -18.69 -0.77
N MET A 167 -7.91 -18.48 -0.25
CA MET A 167 -6.70 -18.59 -1.04
C MET A 167 -5.72 -19.56 -0.44
N PRO A 168 -4.90 -20.22 -1.26
CA PRO A 168 -3.85 -21.06 -0.71
C PRO A 168 -2.79 -20.20 -0.03
N PRO A 169 -2.00 -20.80 0.85
CA PRO A 169 -1.02 -20.01 1.60
C PRO A 169 0.10 -19.47 0.75
N THR A 170 0.28 -19.95 -0.48
CA THR A 170 1.30 -19.40 -1.37
C THR A 170 0.76 -18.32 -2.30
N ASN A 171 -0.53 -18.01 -2.26
CA ASN A 171 -1.07 -17.01 -3.16
C ASN A 171 -0.31 -15.70 -2.96
N PRO A 172 0.26 -15.10 -4.01
CA PRO A 172 1.07 -13.90 -3.79
C PRO A 172 0.31 -12.74 -3.19
N ILE A 173 -0.99 -12.62 -3.45
CA ILE A 173 -1.78 -11.57 -2.82
C ILE A 173 -1.88 -11.82 -1.32
N ARG A 174 -2.17 -13.06 -0.94
CA ARG A 174 -2.19 -13.44 0.46
C ARG A 174 -0.83 -13.17 1.12
N LEU A 175 0.26 -13.54 0.46
CA LEU A 175 1.59 -13.30 1.01
C LEU A 175 1.89 -11.81 1.16
N GLY A 176 1.57 -11.03 0.13
CA GLY A 176 1.87 -9.60 0.19
C GLY A 176 1.02 -8.89 1.22
N LEU A 177 -0.23 -9.32 1.37
CA LEU A 177 -1.09 -8.80 2.43
C LEU A 177 -0.46 -9.06 3.80
N ALA A 178 -0.01 -10.30 4.03
CA ALA A 178 0.59 -10.64 5.32
C ALA A 178 1.88 -9.86 5.55
N LEU A 179 2.71 -9.73 4.52
CA LEU A 179 3.91 -8.92 4.61
C LEU A 179 3.58 -7.52 5.11
N ASN A 180 2.60 -6.89 4.47
CA ASN A 180 2.31 -5.49 4.78
C ASN A 180 1.61 -5.35 6.12
N PHE A 181 0.71 -6.29 6.47
CA PHE A 181 0.03 -6.25 7.77
C PHE A 181 1.05 -6.46 8.88
N SER A 182 2.04 -7.32 8.64
CA SER A 182 3.15 -7.46 9.57
C SER A 182 3.90 -6.16 9.75
N VAL A 183 4.20 -5.44 8.67
CA VAL A 183 4.85 -4.14 8.81
C VAL A 183 3.94 -3.15 9.56
N PHE A 184 2.65 -3.15 9.27
CA PHE A 184 1.71 -2.36 10.06
C PHE A 184 1.88 -2.64 11.56
N HIS A 185 1.91 -3.91 11.94
CA HIS A 185 2.06 -4.21 13.36
C HIS A 185 3.35 -3.64 13.91
N TYR A 186 4.46 -3.80 13.19
CA TYR A 186 5.77 -3.40 13.69
C TYR A 186 5.89 -1.88 13.75
N GLU A 187 5.52 -1.19 12.68
CA GLU A 187 5.85 0.22 12.52
C GLU A 187 4.72 1.17 12.97
N ILE A 188 3.48 0.72 12.97
CA ILE A 188 2.34 1.58 13.25
C ILE A 188 1.69 1.23 14.58
N ALA A 189 1.46 -0.06 14.83
CA ALA A 189 0.71 -0.50 15.99
C ALA A 189 1.58 -0.78 17.21
N ASN A 190 2.89 -0.59 17.11
CA ASN A 190 3.82 -0.87 18.22
C ASN A 190 3.62 -2.28 18.75
N SER A 191 3.48 -3.21 17.82
CA SER A 191 3.28 -4.63 18.12
C SER A 191 4.32 -5.46 17.39
N PRO A 192 5.59 -5.29 17.73
CA PRO A 192 6.64 -6.06 17.03
C PRO A 192 6.49 -7.56 17.20
N GLU A 193 6.00 -8.05 18.33
CA GLU A 193 5.86 -9.49 18.45
C GLU A 193 4.82 -10.03 17.50
N GLU A 194 3.70 -9.31 17.35
CA GLU A 194 2.68 -9.70 16.38
C GLU A 194 3.24 -9.68 14.97
N ALA A 195 4.02 -8.65 14.65
CA ALA A 195 4.66 -8.53 13.35
C ALA A 195 5.53 -9.74 13.04
N ILE A 196 6.36 -10.13 14.02
CA ILE A 196 7.27 -11.25 13.83
C ILE A 196 6.50 -12.55 13.72
N SER A 197 5.53 -12.77 14.62
CA SER A 197 4.73 -13.99 14.56
C SER A 197 4.04 -14.12 13.21
N LEU A 198 3.42 -13.02 12.73
CA LEU A 198 2.69 -13.11 11.47
C LEU A 198 3.62 -13.44 10.33
N ALA A 199 4.79 -12.78 10.26
CA ALA A 199 5.71 -13.02 9.16
C ALA A 199 6.20 -14.46 9.18
N LYS A 200 6.53 -14.97 10.36
CA LYS A 200 7.07 -16.32 10.48
C LYS A 200 6.02 -17.36 10.12
N THR A 201 4.81 -17.23 10.68
CA THR A 201 3.75 -18.18 10.37
C THR A 201 3.39 -18.16 8.89
N THR A 202 3.33 -16.96 8.29
CA THR A 202 3.03 -16.87 6.87
C THR A 202 4.10 -17.57 6.05
N PHE A 203 5.37 -17.33 6.39
CA PHE A 203 6.48 -17.94 5.66
C PHE A 203 6.40 -19.46 5.75
N ASP A 204 6.19 -19.99 6.95
CA ASP A 204 6.20 -21.44 7.14
C ASP A 204 5.01 -22.12 6.46
N GLU A 205 3.83 -21.51 6.50
CA GLU A 205 2.68 -22.09 5.83
C GLU A 205 2.85 -22.07 4.33
N ALA A 206 3.49 -21.01 3.81
CA ALA A 206 3.75 -20.95 2.39
C ALA A 206 4.76 -22.03 1.99
N MET A 207 5.84 -22.15 2.76
CA MET A 207 6.87 -23.14 2.46
C MET A 207 6.25 -24.52 2.26
N ALA A 208 5.32 -24.89 3.14
CA ALA A 208 4.71 -26.21 3.08
C ALA A 208 3.76 -26.40 1.90
N ASP A 209 3.40 -25.34 1.17
CA ASP A 209 2.49 -25.44 0.04
C ASP A 209 3.20 -25.25 -1.29
N LEU A 210 4.51 -24.94 -1.27
CA LEU A 210 5.24 -24.71 -2.51
C LEU A 210 5.23 -25.93 -3.42
N HIS A 211 5.15 -27.14 -2.85
CA HIS A 211 5.23 -28.36 -3.64
C HIS A 211 4.09 -28.47 -4.64
N THR A 212 3.00 -27.72 -4.45
CA THR A 212 1.85 -27.79 -5.33
C THR A 212 1.98 -26.92 -6.56
N LEU A 213 3.00 -26.08 -6.62
CA LEU A 213 3.08 -25.01 -7.60
C LEU A 213 3.89 -25.37 -8.84
N SER A 214 3.52 -24.75 -9.95
CA SER A 214 4.34 -24.74 -11.15
C SER A 214 5.62 -23.93 -10.90
N GLU A 215 6.56 -24.04 -11.85
CA GLU A 215 7.79 -23.28 -11.72
C GLU A 215 7.52 -21.77 -11.70
N ASP A 216 6.57 -21.31 -12.51
CA ASP A 216 6.34 -19.86 -12.55
C ASP A 216 5.63 -19.39 -11.28
N SER A 217 4.69 -20.18 -10.77
CA SER A 217 4.02 -19.81 -9.54
C SER A 217 4.99 -19.87 -8.36
N TYR A 218 5.86 -20.87 -8.36
CA TYR A 218 6.93 -20.98 -7.37
C TYR A 218 7.77 -19.72 -7.32
N LYS A 219 8.18 -19.20 -8.48
CA LYS A 219 9.01 -18.00 -8.50
C LYS A 219 8.29 -16.82 -7.88
N ASP A 220 7.00 -16.67 -8.19
CA ASP A 220 6.23 -15.56 -7.64
C ASP A 220 6.10 -15.65 -6.12
N SER A 221 5.78 -16.84 -5.63
CA SER A 221 5.58 -17.02 -4.20
C SER A 221 6.89 -16.89 -3.43
N THR A 222 7.96 -17.51 -3.94
CA THR A 222 9.21 -17.46 -3.18
C THR A 222 9.78 -16.05 -3.15
N LEU A 223 9.50 -15.23 -4.16
CA LEU A 223 9.94 -13.84 -4.11
C LEU A 223 9.38 -13.12 -2.91
N ILE A 224 8.07 -13.25 -2.67
CA ILE A 224 7.50 -12.55 -1.52
C ILE A 224 7.92 -13.22 -0.23
N MET A 225 8.10 -14.55 -0.24
CA MET A 225 8.57 -15.22 0.97
C MET A 225 9.94 -14.67 1.37
N GLN A 226 10.80 -14.35 0.38
CA GLN A 226 12.10 -13.78 0.68
C GLN A 226 11.96 -12.40 1.33
N LEU A 227 10.96 -11.62 0.94
CA LEU A 227 10.71 -10.35 1.62
C LEU A 227 10.30 -10.55 3.08
N LEU A 228 9.44 -11.55 3.35
CA LEU A 228 9.11 -11.90 4.72
C LEU A 228 10.37 -12.23 5.51
N ARG A 229 11.24 -13.06 4.93
CA ARG A 229 12.48 -13.43 5.62
C ARG A 229 13.35 -12.21 5.83
N ASP A 230 13.43 -11.33 4.83
CA ASP A 230 14.23 -10.12 4.95
C ASP A 230 13.77 -9.29 6.14
N ASN A 231 12.46 -9.11 6.27
CA ASN A 231 11.95 -8.36 7.40
C ASN A 231 12.25 -9.05 8.72
N LEU A 232 12.05 -10.37 8.77
CA LEU A 232 12.38 -11.12 9.99
C LEU A 232 13.83 -10.96 10.37
N THR A 233 14.72 -10.92 9.38
CA THR A 233 16.14 -10.71 9.66
C THR A 233 16.39 -9.30 10.18
N LEU A 234 15.67 -8.32 9.64
CA LEU A 234 15.76 -6.96 10.16
C LEU A 234 15.31 -6.87 11.61
N TRP A 235 14.35 -7.69 12.02
CA TRP A 235 13.67 -7.51 13.29
C TRP A 235 14.15 -8.44 14.40
N THR A 236 15.07 -9.36 14.11
CA THR A 236 15.52 -10.32 15.11
C THR A 236 17.05 -10.43 15.09
N PHE B 1 14.11 0.86 6.17
CA PHE B 1 12.68 0.56 6.24
C PHE B 1 12.40 -0.88 5.82
N PRO B 2 11.35 -1.48 6.36
CA PRO B 2 11.04 -2.86 6.01
C PRO B 2 10.34 -2.96 4.66
N ALA B 3 10.38 -4.16 4.10
CA ALA B 3 9.82 -4.38 2.80
C ALA B 3 8.28 -4.50 2.83
N TPO B 4 7.64 -3.83 1.87
CA TPO B 4 6.20 -3.96 1.63
CB TPO B 4 5.40 -2.76 2.23
CG2 TPO B 4 5.43 -2.79 3.77
OG1 TPO B 4 6.03 -1.62 1.66
P TPO B 4 5.28 -0.19 1.83
O1P TPO B 4 5.59 0.33 3.18
O2P TPO B 4 5.99 0.70 0.70
O3P TPO B 4 3.76 -0.33 1.49
C TPO B 4 5.99 -4.03 0.13
O TPO B 4 6.85 -3.61 -0.67
N VAL B 5 4.87 -4.61 -0.27
CA VAL B 5 4.57 -4.71 -1.69
C VAL B 5 3.21 -4.16 -2.09
C10 S8O C . 0.00 -8.88 -11.85
C12 S8O C . 1.00 -9.70 -9.85
C18 S8O C . 5.40 -6.69 -6.73
C19 S8O C . 6.54 -6.92 -5.71
C20 S8O C . 7.65 -7.87 -6.13
C21 S8O C . 7.12 -9.08 -6.94
C15 S8O C . 3.85 -7.63 -8.51
C17 S8O C . 4.87 -7.97 -7.38
C24 S8O C . 3.03 -8.50 -5.73
C25 S8O C . 2.58 -9.40 -4.82
C31 S8O C . 2.00 -7.87 -11.00
C02 S8O C . 2.36 -3.73 -14.66
C04 S8O C . 1.61 -5.01 -14.32
C05 S8O C . 1.86 -5.75 -13.12
C06 S8O C . 0.96 -6.98 -13.09
C07 S8O C . 0.10 -7.05 -14.26
C09 S8O C . 0.99 -7.96 -11.94
C11 S8O C . 0.00 -9.77 -10.79
C13 S8O C . 1.99 -8.77 -9.95
C22 S8O C . 6.03 -8.77 -7.99
C26 S8O C . 1.40 -9.14 -4.08
C27 S8O C . 0.71 -7.96 -4.29
C29 S8O C . 1.14 -7.03 -5.21
C30 S8O C . 2.30 -7.30 -5.94
N01 S8O C . 3.30 -3.22 -13.65
N03 S8O C . 2.22 -3.17 -15.82
N14 S8O C . 3.03 -8.78 -8.90
O16 S8O C . 3.74 -6.53 -8.99
O23 S8O C . 4.27 -8.87 -6.45
S08 S8O C . 0.43 -5.73 -15.20
CL28 S8O C . -0.78 -7.66 -3.36
H101 S8O C . -0.80 -8.91 -12.60
H121 S8O C . 1.01 -10.39 -9.03
H181 S8O C . 5.77 -6.03 -7.52
H182 S8O C . 4.58 -6.20 -6.23
H191 S8O C . 7.00 -5.95 -5.51
H192 S8O C . 6.09 -7.30 -4.80
H202 S8O C . 8.15 -8.25 -5.21
H201 S8O C . 8.38 -7.32 -6.75
H211 S8O C . 6.71 -9.80 -6.22
H212 S8O C . 7.98 -9.53 -7.46
H251 S8O C . 3.12 -10.31 -4.65
H311 S8O C . 2.78 -7.12 -11.08
H051 S8O C . 2.57 -5.49 -12.34
H071 S8O C . -0.62 -7.84 -14.48
H111 S8O C . -0.77 -10.51 -10.72
H222 S8O C . 5.64 -9.71 -8.39
H221 S8O C . 6.47 -8.19 -8.79
H261 S8O C . 1.04 -9.87 -3.35
H291 S8O C . 0.59 -6.09 -5.36
H301 S8O C . 2.67 -6.57 -6.69
H012 S8O C . 3.40 -3.67 -12.76
H031 S8O C . 1.59 -3.56 -16.46
H141 S8O C . 3.20 -9.64 -8.41
H011 S8O C . 3.84 -2.36 -13.83
#